data_1LQ9
#
_entry.id   1LQ9
#
_cell.length_a   47.028
_cell.length_b   60.168
_cell.length_c   71.379
_cell.angle_alpha   90.00
_cell.angle_beta   90.00
_cell.angle_gamma   90.00
#
_symmetry.space_group_name_H-M   'P 21 21 21'
#
loop_
_entity.id
_entity.type
_entity.pdbx_description
1 polymer 'ACTVA-ORF6 MONOOXYGENASE'
2 non-polymer 'TETRAETHYLENE GLYCOL'
3 water water
#
_entity_poly.entity_id   1
_entity_poly.type   'polypeptide(L)'
_entity_poly.pdbx_seq_one_letter_code
;AEVNDPRVGFVAVVTFPVDGPATQHKLVELATGGVQEWIREVPGFLSATYHASTDGTAVVNYAQWESEQAYRVNFGADPR
SAELREALSSLPGLMGPPKAVFMTPRGAILPS
;
_entity_poly.pdbx_strand_id   A,B
#
# COMPACT_ATOMS: atom_id res chain seq x y z
N ALA A 1 1.27 7.90 9.49
CA ALA A 1 0.05 8.75 9.55
C ALA A 1 -1.16 7.88 9.28
N GLU A 2 -2.31 8.27 9.79
CA GLU A 2 -3.54 7.57 9.46
C GLU A 2 -3.58 7.49 7.93
N VAL A 3 -4.10 6.38 7.46
CA VAL A 3 -4.13 6.17 6.00
C VAL A 3 -4.92 7.24 5.25
N ASN A 4 -5.92 7.84 5.87
CA ASN A 4 -6.73 8.85 5.24
C ASN A 4 -6.34 10.27 5.66
N ASP A 5 -5.22 10.46 6.35
CA ASP A 5 -4.87 11.84 6.80
C ASP A 5 -4.67 12.71 5.57
N PRO A 6 -5.29 13.89 5.50
CA PRO A 6 -5.18 14.75 4.36
C PRO A 6 -3.78 15.28 4.12
N ARG A 7 -2.86 15.14 5.09
CA ARG A 7 -1.50 15.56 4.85
C ARG A 7 -0.79 14.62 3.86
N VAL A 8 -1.31 13.41 3.68
CA VAL A 8 -0.62 12.47 2.76
C VAL A 8 -0.93 12.87 1.32
N GLY A 9 0.03 13.48 0.64
CA GLY A 9 -0.17 13.94 -0.71
C GLY A 9 0.50 13.05 -1.74
N PHE A 10 1.36 12.11 -1.32
CA PHE A 10 2.11 11.30 -2.33
C PHE A 10 2.47 9.99 -1.64
N VAL A 11 2.28 8.92 -2.37
CA VAL A 11 2.60 7.57 -1.86
C VAL A 11 3.48 6.84 -2.86
N ALA A 12 4.43 6.10 -2.34
CA ALA A 12 5.19 5.17 -3.17
C ALA A 12 4.93 3.77 -2.60
N VAL A 13 4.66 2.82 -3.49
CA VAL A 13 4.57 1.41 -3.15
C VAL A 13 5.76 0.73 -3.82
N VAL A 14 6.68 0.20 -3.03
CA VAL A 14 7.92 -0.37 -3.57
C VAL A 14 7.96 -1.85 -3.24
N THR A 15 8.11 -2.68 -4.26
CA THR A 15 8.12 -4.13 -4.09
C THR A 15 9.52 -4.67 -4.35
N PHE A 16 10.02 -5.43 -3.40
CA PHE A 16 11.34 -6.04 -3.47
C PHE A 16 11.16 -7.54 -3.64
N PRO A 17 11.60 -8.11 -4.76
CA PRO A 17 11.44 -9.57 -4.99
C PRO A 17 12.51 -10.32 -4.24
N VAL A 18 12.13 -11.33 -3.45
CA VAL A 18 13.10 -12.08 -2.62
C VAL A 18 12.91 -13.57 -2.86
N ASP A 19 13.88 -14.35 -2.35
CA ASP A 19 13.87 -15.79 -2.61
C ASP A 19 13.08 -16.58 -1.61
N GLY A 20 12.47 -15.99 -0.57
CA GLY A 20 11.65 -16.72 0.37
C GLY A 20 11.57 -16.01 1.69
N PRO A 21 10.86 -16.59 2.67
CA PRO A 21 10.59 -15.95 3.95
C PRO A 21 11.80 -15.62 4.76
N ALA A 22 12.88 -16.43 4.71
CA ALA A 22 14.06 -16.06 5.50
C ALA A 22 14.61 -14.72 5.03
N THR A 23 14.65 -14.55 3.71
CA THR A 23 15.12 -13.26 3.16
C THR A 23 14.11 -12.16 3.41
N GLN A 24 12.80 -12.43 3.39
CA GLN A 24 11.86 -11.38 3.76
C GLN A 24 12.20 -10.82 5.14
N HIS A 25 12.46 -11.74 6.08
CA HIS A 25 12.73 -11.30 7.45
C HIS A 25 14.01 -10.51 7.51
N LYS A 26 15.07 -10.98 6.87
CA LYS A 26 16.36 -10.25 6.87
C LYS A 26 16.21 -8.89 6.24
N LEU A 27 15.42 -8.76 5.17
CA LEU A 27 15.28 -7.48 4.50
C LEU A 27 14.52 -6.49 5.37
N VAL A 28 13.45 -6.93 6.03
CA VAL A 28 12.76 -6.00 6.95
C VAL A 28 13.70 -5.64 8.10
N GLU A 29 14.46 -6.59 8.64
CA GLU A 29 15.41 -6.32 9.75
C GLU A 29 16.45 -5.29 9.28
N LEU A 30 16.91 -5.40 8.02
CA LEU A 30 17.86 -4.44 7.49
C LEU A 30 17.20 -3.08 7.33
N ALA A 31 16.00 -3.01 6.78
CA ALA A 31 15.37 -1.74 6.50
C ALA A 31 15.08 -1.00 7.79
N THR A 32 14.80 -1.71 8.90
CA THR A 32 14.47 -1.07 10.19
C THR A 32 15.60 -1.17 11.18
N GLY A 33 16.80 -1.52 10.74
CA GLY A 33 17.92 -1.78 11.64
C GLY A 33 18.82 -0.62 11.92
N GLY A 34 18.45 0.59 11.48
CA GLY A 34 19.25 1.77 11.70
C GLY A 34 19.84 2.42 10.48
N VAL A 35 19.89 1.73 9.34
CA VAL A 35 20.46 2.28 8.11
C VAL A 35 19.73 3.53 7.67
N GLN A 36 18.42 3.63 7.94
CA GLN A 36 17.68 4.79 7.52
C GLN A 36 17.16 5.63 8.68
N GLU A 37 17.86 5.62 9.81
CA GLU A 37 17.52 6.51 10.88
C GLU A 37 17.44 7.95 10.37
N TRP A 38 18.31 8.36 9.44
CA TRP A 38 18.31 9.74 8.94
C TRP A 38 17.00 10.16 8.32
N ILE A 39 16.19 9.20 7.78
CA ILE A 39 15.02 9.64 7.03
C ILE A 39 13.93 10.15 7.94
N ARG A 40 13.98 9.70 9.21
CA ARG A 40 12.85 9.97 10.08
C ARG A 40 12.51 11.44 10.28
N GLU A 41 13.53 12.28 10.28
CA GLU A 41 13.29 13.71 10.56
C GLU A 41 13.28 14.54 9.31
N VAL A 42 13.38 13.96 8.12
CA VAL A 42 13.38 14.74 6.87
C VAL A 42 12.05 15.41 6.69
N PRO A 43 12.02 16.66 6.26
CA PRO A 43 10.74 17.32 6.06
C PRO A 43 9.89 16.62 5.02
N GLY A 44 8.64 16.37 5.34
CA GLY A 44 7.67 15.77 4.43
C GLY A 44 7.59 14.27 4.57
N PHE A 45 8.52 13.60 5.25
CA PHE A 45 8.45 12.16 5.43
C PHE A 45 7.36 11.82 6.45
N LEU A 46 6.42 10.98 6.11
CA LEU A 46 5.38 10.60 7.06
C LEU A 46 5.55 9.17 7.55
N SER A 47 5.83 8.21 6.70
CA SER A 47 6.03 6.86 7.15
C SER A 47 6.56 5.99 6.02
N ALA A 48 7.12 4.85 6.43
CA ALA A 48 7.44 3.75 5.52
C ALA A 48 7.10 2.47 6.25
N THR A 49 6.17 1.68 5.74
CA THR A 49 5.74 0.43 6.39
C THR A 49 6.17 -0.72 5.51
N TYR A 50 6.96 -1.61 6.05
CA TYR A 50 7.45 -2.79 5.33
C TYR A 50 6.63 -4.00 5.69
N HIS A 51 6.19 -4.71 4.67
CA HIS A 51 5.31 -5.86 4.81
C HIS A 51 5.96 -7.05 4.15
N ALA A 52 5.70 -8.24 4.73
CA ALA A 52 6.12 -9.49 4.08
C ALA A 52 4.89 -10.02 3.33
N SER A 53 5.01 -10.27 2.04
CA SER A 53 3.89 -10.92 1.32
C SER A 53 3.68 -12.29 1.95
N THR A 54 2.41 -12.72 2.02
CA THR A 54 2.09 -13.98 2.67
C THR A 54 2.65 -15.15 1.91
N ASP A 55 2.92 -15.03 0.61
CA ASP A 55 3.46 -16.13 -0.17
C ASP A 55 4.97 -16.21 -0.10
N GLY A 56 5.64 -15.36 0.67
CA GLY A 56 7.06 -15.45 0.89
C GLY A 56 7.94 -14.80 -0.17
N THR A 57 7.36 -14.27 -1.24
CA THR A 57 8.15 -13.86 -2.40
C THR A 57 8.53 -12.41 -2.47
N ALA A 58 7.97 -11.54 -1.61
CA ALA A 58 8.26 -10.12 -1.77
C ALA A 58 8.17 -9.43 -0.44
N VAL A 59 8.90 -8.29 -0.35
CA VAL A 59 8.71 -7.32 0.73
C VAL A 59 8.12 -6.08 0.05
N VAL A 60 7.09 -5.51 0.65
CA VAL A 60 6.42 -4.35 0.06
C VAL A 60 6.50 -3.20 1.04
N ASN A 61 6.97 -2.05 0.58
CA ASN A 61 7.01 -0.83 1.38
C ASN A 61 5.85 0.08 0.90
N TYR A 62 4.97 0.44 1.81
CA TYR A 62 3.98 1.50 1.58
C TYR A 62 4.54 2.76 2.24
N ALA A 63 4.90 3.76 1.49
CA ALA A 63 5.53 4.97 2.01
C ALA A 63 4.64 6.17 1.81
N GLN A 64 4.40 6.91 2.89
CA GLN A 64 3.63 8.14 2.85
C GLN A 64 4.53 9.37 2.93
N TRP A 65 4.24 10.33 2.04
CA TRP A 65 4.96 11.60 1.98
C TRP A 65 3.93 12.71 1.94
N GLU A 66 4.34 13.91 2.40
CA GLU A 66 3.40 15.06 2.36
C GLU A 66 3.12 15.46 0.92
N SER A 67 4.12 15.37 0.03
CA SER A 67 3.93 15.82 -1.34
C SER A 67 5.02 15.19 -2.18
N GLU A 68 4.79 15.21 -3.50
CA GLU A 68 5.81 14.76 -4.44
C GLU A 68 7.04 15.66 -4.35
N GLN A 69 6.82 16.98 -4.14
CA GLN A 69 7.98 17.84 -4.05
C GLN A 69 8.85 17.48 -2.87
N ALA A 70 8.24 17.21 -1.69
CA ALA A 70 9.04 16.89 -0.52
C ALA A 70 9.81 15.61 -0.76
N TYR A 71 9.16 14.61 -1.38
CA TYR A 71 9.82 13.34 -1.70
C TYR A 71 11.04 13.62 -2.59
N ARG A 72 10.84 14.42 -3.65
CA ARG A 72 11.90 14.67 -4.62
C ARG A 72 13.07 15.42 -3.98
N VAL A 73 12.77 16.47 -3.21
CA VAL A 73 13.80 17.30 -2.61
C VAL A 73 14.51 16.63 -1.47
N ASN A 74 13.69 16.04 -0.58
CA ASN A 74 14.27 15.61 0.68
C ASN A 74 14.62 14.14 0.70
N PHE A 75 14.27 13.40 -0.35
CA PHE A 75 14.63 12.00 -0.46
C PHE A 75 15.43 11.75 -1.73
N GLY A 76 14.80 11.89 -2.89
CA GLY A 76 15.42 11.57 -4.16
C GLY A 76 16.70 12.34 -4.44
N ALA A 77 16.72 13.61 -4.06
CA ALA A 77 17.89 14.47 -4.34
C ALA A 77 18.99 14.37 -3.29
N ASP A 78 18.74 13.69 -2.18
CA ASP A 78 19.75 13.51 -1.14
C ASP A 78 20.55 12.29 -1.53
N PRO A 79 21.88 12.36 -1.65
CA PRO A 79 22.69 11.20 -1.99
C PRO A 79 22.54 10.06 -0.98
N ARG A 80 22.09 10.32 0.24
CA ARG A 80 21.83 9.25 1.20
C ARG A 80 20.78 8.30 0.67
N SER A 81 19.87 8.69 -0.25
CA SER A 81 18.90 7.75 -0.81
C SER A 81 19.66 6.76 -1.69
N ALA A 82 20.75 7.16 -2.33
CA ALA A 82 21.52 6.22 -3.16
C ALA A 82 22.31 5.30 -2.26
N GLU A 83 22.77 5.81 -1.10
CA GLU A 83 23.46 4.93 -0.14
C GLU A 83 22.48 3.92 0.44
N LEU A 84 21.24 4.34 0.72
CA LEU A 84 20.23 3.44 1.24
C LEU A 84 19.89 2.41 0.17
N ARG A 85 19.74 2.82 -1.09
CA ARG A 85 19.48 1.89 -2.16
C ARG A 85 20.63 0.88 -2.24
N GLU A 86 21.89 1.32 -2.13
CA GLU A 86 22.97 0.35 -2.14
C GLU A 86 22.85 -0.63 -0.99
N ALA A 87 22.57 -0.15 0.23
CA ALA A 87 22.44 -1.05 1.38
C ALA A 87 21.36 -2.09 1.18
N LEU A 88 20.17 -1.67 0.73
CA LEU A 88 19.08 -2.65 0.55
C LEU A 88 19.38 -3.59 -0.61
N SER A 89 20.20 -3.19 -1.59
CA SER A 89 20.53 -4.05 -2.72
C SER A 89 21.57 -5.10 -2.33
N SER A 90 22.25 -4.91 -1.20
CA SER A 90 23.37 -5.73 -0.82
C SER A 90 22.98 -7.08 -0.27
N LEU A 91 21.69 -7.24 0.07
CA LEU A 91 21.29 -8.44 0.80
C LEU A 91 21.23 -9.68 -0.04
N PRO A 92 21.93 -10.72 0.34
CA PRO A 92 21.75 -12.02 -0.32
C PRO A 92 20.27 -12.42 -0.27
N GLY A 93 19.79 -12.92 -1.38
CA GLY A 93 18.36 -13.34 -1.46
C GLY A 93 17.47 -12.32 -2.17
N LEU A 94 17.93 -11.10 -2.38
CA LEU A 94 17.17 -10.12 -3.18
C LEU A 94 17.36 -10.52 -4.62
N MET A 95 16.31 -10.86 -5.38
CA MET A 95 16.41 -11.45 -6.67
C MET A 95 16.34 -10.53 -7.84
N GLY A 96 16.08 -9.29 -7.65
CA GLY A 96 15.97 -8.35 -8.77
C GLY A 96 15.84 -6.96 -8.18
N PRO A 97 15.91 -5.93 -9.01
CA PRO A 97 15.77 -4.58 -8.51
C PRO A 97 14.36 -4.32 -8.01
N PRO A 98 14.20 -3.46 -7.03
CA PRO A 98 12.88 -3.10 -6.55
C PRO A 98 12.06 -2.40 -7.64
N LYS A 99 10.76 -2.57 -7.57
CA LYS A 99 9.78 -1.99 -8.50
C LYS A 99 8.93 -1.00 -7.75
N ALA A 100 8.78 0.22 -8.25
CA ALA A 100 8.03 1.27 -7.59
C ALA A 100 6.76 1.61 -8.37
N VAL A 101 5.72 1.98 -7.63
CA VAL A 101 4.51 2.60 -8.24
C VAL A 101 4.28 3.86 -7.41
N PHE A 102 4.11 4.99 -8.10
CA PHE A 102 3.85 6.28 -7.48
C PHE A 102 2.39 6.64 -7.64
N MET A 103 1.76 7.16 -6.58
CA MET A 103 0.33 7.36 -6.59
C MET A 103 -0.08 8.41 -5.61
N THR A 104 -1.35 8.83 -5.70
CA THR A 104 -1.83 9.80 -4.71
C THR A 104 -3.14 9.31 -4.15
N PRO A 105 -3.37 9.44 -2.84
CA PRO A 105 -4.65 9.02 -2.27
C PRO A 105 -5.79 9.83 -2.87
N ARG A 106 -6.90 9.17 -3.17
CA ARG A 106 -8.06 9.81 -3.78
C ARG A 106 -9.34 9.55 -3.05
N GLY A 107 -9.51 8.55 -2.20
CA GLY A 107 -10.75 8.33 -1.45
C GLY A 107 -10.45 7.21 -0.44
N ALA A 108 -11.15 7.19 0.66
CA ALA A 108 -10.96 6.13 1.64
C ALA A 108 -12.27 5.82 2.32
N ILE A 109 -12.31 4.62 2.86
CA ILE A 109 -13.42 4.11 3.65
C ILE A 109 -12.88 3.66 5.00
N LEU A 110 -13.36 4.22 6.11
CA LEU A 110 -12.96 3.83 7.46
C LEU A 110 -14.18 3.26 8.18
N PRO A 111 -14.03 2.48 9.23
CA PRO A 111 -15.11 1.79 9.92
C PRO A 111 -16.06 2.78 10.50
N SER A 112 -17.30 2.25 10.70
CA SER A 112 -18.33 3.08 11.35
C SER A 112 -18.45 2.65 12.80
N ALA B 1 -6.69 3.17 9.96
CA ALA B 1 -5.85 3.12 11.19
C ALA B 1 -4.49 3.68 10.86
N GLU B 2 -3.75 4.09 11.88
CA GLU B 2 -2.32 4.42 11.68
C GLU B 2 -1.66 3.20 11.05
N VAL B 3 -0.66 3.47 10.22
CA VAL B 3 -0.02 2.40 9.49
C VAL B 3 0.64 1.35 10.37
N ASN B 4 1.05 1.74 11.58
CA ASN B 4 1.67 0.85 12.55
C ASN B 4 0.72 0.50 13.69
N ASP B 5 -0.59 0.65 13.47
CA ASP B 5 -1.53 0.26 14.54
C ASP B 5 -1.41 -1.24 14.72
N PRO B 6 -1.31 -1.70 15.95
CA PRO B 6 -1.09 -3.13 16.19
C PRO B 6 -2.28 -3.99 15.83
N ARG B 7 -3.45 -3.43 15.65
CA ARG B 7 -4.60 -4.23 15.25
C ARG B 7 -4.49 -4.70 13.80
N VAL B 8 -3.64 -4.09 12.97
CA VAL B 8 -3.55 -4.44 11.56
C VAL B 8 -2.75 -5.71 11.41
N GLY B 9 -3.43 -6.86 11.26
CA GLY B 9 -2.82 -8.15 11.13
C GLY B 9 -2.64 -8.58 9.69
N PHE B 10 -3.31 -7.93 8.74
CA PHE B 10 -3.35 -8.40 7.36
C PHE B 10 -3.65 -7.22 6.46
N VAL B 11 -2.94 -7.15 5.34
CA VAL B 11 -3.15 -6.09 4.37
C VAL B 11 -3.34 -6.71 2.99
N ALA B 12 -4.28 -6.14 2.25
CA ALA B 12 -4.43 -6.50 0.84
C ALA B 12 -4.12 -5.23 0.03
N VAL B 13 -3.29 -5.37 -0.98
CA VAL B 13 -3.01 -4.28 -1.93
C VAL B 13 -3.58 -4.75 -3.26
N VAL B 14 -4.64 -4.09 -3.71
CA VAL B 14 -5.33 -4.52 -4.94
C VAL B 14 -5.14 -3.45 -6.02
N THR B 15 -4.62 -3.88 -7.17
CA THR B 15 -4.35 -2.94 -8.24
C THR B 15 -5.30 -3.22 -9.40
N PHE B 16 -6.01 -2.21 -9.85
CA PHE B 16 -6.93 -2.28 -10.98
C PHE B 16 -6.31 -1.52 -12.15
N PRO B 17 -6.02 -2.21 -13.26
CA PRO B 17 -5.46 -1.52 -14.43
C PRO B 17 -6.58 -0.86 -15.22
N VAL B 18 -6.39 0.42 -15.51
CA VAL B 18 -7.41 1.23 -16.19
C VAL B 18 -6.80 1.97 -17.35
N ASP B 19 -7.66 2.48 -18.23
CA ASP B 19 -7.21 3.13 -19.46
C ASP B 19 -6.88 4.60 -19.33
N GLY B 20 -7.00 5.29 -18.22
CA GLY B 20 -6.63 6.68 -18.08
C GLY B 20 -7.29 7.31 -16.88
N PRO B 21 -7.00 8.58 -16.62
CA PRO B 21 -7.49 9.25 -15.44
C PRO B 21 -9.00 9.36 -15.37
N ALA B 22 -9.74 9.49 -16.47
CA ALA B 22 -11.20 9.55 -16.39
C ALA B 22 -11.71 8.26 -15.74
N THR B 23 -11.18 7.11 -16.14
CA THR B 23 -11.55 5.83 -15.56
C THR B 23 -11.07 5.71 -14.13
N GLN B 24 -9.88 6.24 -13.78
CA GLN B 24 -9.46 6.22 -12.37
C GLN B 24 -10.50 6.92 -11.51
N HIS B 25 -11.03 8.06 -11.99
CA HIS B 25 -12.06 8.77 -11.22
C HIS B 25 -13.33 7.94 -11.14
N LYS B 26 -13.82 7.34 -12.24
CA LYS B 26 -15.07 6.57 -12.19
C LYS B 26 -14.95 5.37 -11.26
N LEU B 27 -13.77 4.73 -11.26
CA LEU B 27 -13.61 3.57 -10.41
C LEU B 27 -13.57 3.92 -8.93
N VAL B 28 -12.86 5.00 -8.57
CA VAL B 28 -12.84 5.43 -7.17
C VAL B 28 -14.26 5.86 -6.77
N GLU B 29 -14.99 6.56 -7.66
CA GLU B 29 -16.34 7.00 -7.35
C GLU B 29 -17.25 5.81 -7.09
N LEU B 30 -17.17 4.78 -7.91
CA LEU B 30 -17.98 3.58 -7.71
C LEU B 30 -17.63 2.91 -6.38
N ALA B 31 -16.33 2.72 -6.12
CA ALA B 31 -15.86 2.02 -4.93
C ALA B 31 -16.19 2.77 -3.65
N THR B 32 -16.22 4.11 -3.69
CA THR B 32 -16.48 4.84 -2.45
C THR B 32 -17.90 5.41 -2.42
N GLY B 33 -18.79 4.93 -3.26
CA GLY B 33 -20.13 5.29 -3.50
C GLY B 33 -21.22 5.44 -2.50
N GLY B 34 -21.51 4.54 -1.58
CA GLY B 34 -22.71 4.86 -0.71
C GLY B 34 -23.49 3.60 -0.41
N VAL B 35 -23.81 2.81 -1.45
CA VAL B 35 -24.43 1.49 -1.24
C VAL B 35 -23.40 0.49 -0.68
N GLN B 36 -22.15 0.93 -0.61
CA GLN B 36 -21.00 0.16 -0.15
C GLN B 36 -20.65 0.40 1.32
N GLU B 37 -21.50 1.13 1.98
CA GLU B 37 -21.44 1.48 3.38
C GLU B 37 -21.41 0.22 4.23
N TRP B 38 -21.98 -0.92 3.86
CA TRP B 38 -21.98 -2.15 4.63
C TRP B 38 -20.54 -2.54 4.94
N ILE B 39 -19.54 -2.22 4.11
CA ILE B 39 -18.19 -2.67 4.41
C ILE B 39 -17.69 -2.07 5.72
N ARG B 40 -18.11 -0.84 6.03
CA ARG B 40 -17.68 -0.13 7.21
C ARG B 40 -18.02 -0.87 8.50
N GLU B 41 -19.06 -1.71 8.47
CA GLU B 41 -19.53 -2.45 9.61
C GLU B 41 -19.07 -3.89 9.64
N VAL B 42 -18.25 -4.33 8.67
CA VAL B 42 -17.78 -5.73 8.68
C VAL B 42 -16.80 -5.94 9.82
N PRO B 43 -16.98 -6.96 10.63
CA PRO B 43 -16.03 -7.20 11.73
C PRO B 43 -14.63 -7.43 11.19
N GLY B 44 -13.65 -6.73 11.78
CA GLY B 44 -12.27 -6.87 11.35
C GLY B 44 -11.86 -5.97 10.22
N PHE B 45 -12.76 -5.22 9.62
CA PHE B 45 -12.39 -4.23 8.61
C PHE B 45 -11.78 -3.04 9.31
N LEU B 46 -10.62 -2.59 8.86
CA LEU B 46 -9.99 -1.39 9.42
C LEU B 46 -9.97 -0.25 8.44
N SER B 47 -9.66 -0.42 7.18
CA SER B 47 -9.70 0.68 6.22
C SER B 47 -9.55 0.18 4.81
N ALA B 48 -9.96 1.01 3.87
CA ALA B 48 -9.64 0.82 2.43
C ALA B 48 -9.29 2.19 1.90
N THR B 49 -8.09 2.36 1.37
CA THR B 49 -7.64 3.67 0.82
C THR B 49 -7.35 3.49 -0.64
N TYR B 50 -8.10 4.20 -1.48
CA TYR B 50 -7.93 4.10 -2.92
C TYR B 50 -7.03 5.23 -3.40
N HIS B 51 -6.12 4.92 -4.28
CA HIS B 51 -5.15 5.82 -4.84
C HIS B 51 -5.20 5.76 -6.35
N ALA B 52 -4.86 6.91 -6.98
CA ALA B 52 -4.71 6.94 -8.44
C ALA B 52 -3.22 7.01 -8.71
N SER B 53 -2.71 6.08 -9.51
CA SER B 53 -1.33 6.18 -9.95
C SER B 53 -1.15 7.49 -10.69
N THR B 54 0.01 8.12 -10.52
CA THR B 54 0.24 9.44 -11.15
C THR B 54 0.25 9.33 -12.66
N ASP B 55 0.53 8.18 -13.26
CA ASP B 55 0.55 8.00 -14.68
C ASP B 55 -0.81 7.71 -15.31
N GLY B 56 -1.88 7.66 -14.53
CA GLY B 56 -3.23 7.49 -15.04
C GLY B 56 -3.65 6.06 -15.29
N THR B 57 -2.78 5.05 -15.10
CA THR B 57 -3.02 3.70 -15.57
C THR B 57 -3.52 2.74 -14.50
N ALA B 58 -3.58 3.16 -13.22
CA ALA B 58 -3.99 2.17 -12.23
C ALA B 58 -4.69 2.84 -11.05
N VAL B 59 -5.59 2.07 -10.46
CA VAL B 59 -6.14 2.47 -9.13
C VAL B 59 -5.65 1.41 -8.18
N VAL B 60 -5.14 1.82 -7.01
CA VAL B 60 -4.59 0.90 -6.01
C VAL B 60 -5.33 1.07 -4.71
N ASN B 61 -5.83 -0.04 -4.17
CA ASN B 61 -6.48 -0.02 -2.85
C ASN B 61 -5.51 -0.65 -1.85
N TYR B 62 -5.10 0.12 -0.85
CA TYR B 62 -4.36 -0.39 0.32
C TYR B 62 -5.42 -0.66 1.39
N ALA B 63 -5.66 -1.89 1.75
CA ALA B 63 -6.75 -2.23 2.69
C ALA B 63 -6.17 -2.89 3.93
N GLN B 64 -6.56 -2.36 5.09
CA GLN B 64 -6.13 -2.90 6.39
C GLN B 64 -7.23 -3.75 7.02
N TRP B 65 -6.85 -4.90 7.54
CA TRP B 65 -7.76 -5.85 8.17
C TRP B 65 -7.15 -6.37 9.45
N GLU B 66 -8.02 -6.82 10.38
CA GLU B 66 -7.47 -7.42 11.59
C GLU B 66 -6.82 -8.76 11.33
N SER B 67 -7.27 -9.51 10.32
CA SER B 67 -6.72 -10.85 10.07
C SER B 67 -7.10 -11.25 8.64
N GLU B 68 -6.43 -12.30 8.19
CA GLU B 68 -6.74 -12.87 6.88
C GLU B 68 -8.18 -13.37 6.86
N GLN B 69 -8.65 -13.94 7.99
CA GLN B 69 -10.04 -14.43 8.00
C GLN B 69 -11.04 -13.31 7.90
N ALA B 70 -10.76 -12.12 8.45
CA ALA B 70 -11.72 -11.00 8.32
C ALA B 70 -11.88 -10.66 6.83
N TYR B 71 -10.77 -10.64 6.09
CA TYR B 71 -10.87 -10.36 4.66
C TYR B 71 -11.55 -11.48 3.90
N ARG B 72 -11.10 -12.73 4.15
CA ARG B 72 -11.57 -13.84 3.33
C ARG B 72 -13.00 -14.23 3.60
N VAL B 73 -13.38 -14.26 4.88
CA VAL B 73 -14.70 -14.74 5.25
C VAL B 73 -15.61 -13.60 5.61
N ASN B 74 -15.23 -12.78 6.63
CA ASN B 74 -16.22 -11.77 7.10
C ASN B 74 -16.63 -10.88 5.95
N PHE B 75 -15.67 -10.48 5.12
CA PHE B 75 -15.96 -9.72 3.91
C PHE B 75 -16.24 -10.66 2.74
N GLY B 76 -15.30 -11.55 2.41
CA GLY B 76 -15.36 -12.33 1.18
C GLY B 76 -16.45 -13.35 1.11
N ALA B 77 -16.99 -13.86 2.23
CA ALA B 77 -18.10 -14.79 2.17
C ALA B 77 -19.42 -14.01 2.09
N ASP B 78 -19.43 -12.74 2.36
CA ASP B 78 -20.70 -11.98 2.28
C ASP B 78 -21.09 -11.87 0.83
N PRO B 79 -22.30 -12.21 0.44
CA PRO B 79 -22.74 -12.09 -0.96
C PRO B 79 -22.54 -10.71 -1.52
N ARG B 80 -22.53 -9.64 -0.68
CA ARG B 80 -22.36 -8.29 -1.15
C ARG B 80 -20.97 -8.06 -1.73
N SER B 81 -19.97 -8.83 -1.27
CA SER B 81 -18.64 -8.64 -1.84
C SER B 81 -18.60 -9.22 -3.26
N ALA B 82 -19.41 -10.24 -3.56
CA ALA B 82 -19.52 -10.73 -4.93
C ALA B 82 -20.23 -9.67 -5.76
N GLU B 83 -21.27 -9.01 -5.24
CA GLU B 83 -21.92 -7.95 -5.99
C GLU B 83 -20.94 -6.81 -6.30
N LEU B 84 -20.12 -6.43 -5.31
CA LEU B 84 -19.13 -5.37 -5.54
C LEU B 84 -18.10 -5.76 -6.59
N ARG B 85 -17.59 -6.99 -6.49
CA ARG B 85 -16.61 -7.49 -7.48
C ARG B 85 -17.19 -7.43 -8.88
N GLU B 86 -18.44 -7.86 -9.05
CA GLU B 86 -18.99 -7.83 -10.41
C GLU B 86 -19.15 -6.39 -10.89
N ALA B 87 -19.54 -5.45 -10.03
CA ALA B 87 -19.73 -4.07 -10.49
C ALA B 87 -18.39 -3.50 -10.93
N LEU B 88 -17.34 -3.75 -10.14
CA LEU B 88 -16.01 -3.23 -10.54
C LEU B 88 -15.50 -3.88 -11.80
N SER B 89 -15.82 -5.14 -12.07
CA SER B 89 -15.31 -5.83 -13.26
C SER B 89 -16.06 -5.43 -14.52
N SER B 90 -17.24 -4.84 -14.37
CA SER B 90 -18.03 -4.46 -15.54
C SER B 90 -17.81 -2.99 -15.90
N LEU B 91 -17.09 -2.20 -15.13
CA LEU B 91 -16.91 -0.78 -15.45
C LEU B 91 -16.17 -0.63 -16.76
N PRO B 92 -16.59 0.25 -17.67
CA PRO B 92 -15.85 0.44 -18.90
C PRO B 92 -14.51 1.09 -18.54
N GLY B 93 -13.50 0.79 -19.31
CA GLY B 93 -12.19 1.44 -19.13
C GLY B 93 -11.24 0.55 -18.33
N LEU B 94 -11.72 -0.52 -17.74
CA LEU B 94 -10.83 -1.48 -17.06
C LEU B 94 -10.01 -2.19 -18.13
N MET B 95 -8.73 -2.41 -17.90
CA MET B 95 -7.86 -3.02 -18.92
C MET B 95 -7.55 -4.47 -18.66
N GLY B 96 -8.00 -5.02 -17.53
CA GLY B 96 -7.74 -6.42 -17.18
C GLY B 96 -8.31 -6.60 -15.77
N PRO B 97 -8.25 -7.81 -15.25
CA PRO B 97 -8.75 -8.11 -13.91
C PRO B 97 -7.86 -7.47 -12.87
N PRO B 98 -8.42 -7.21 -11.70
CA PRO B 98 -7.61 -6.70 -10.61
C PRO B 98 -6.58 -7.73 -10.17
N LYS B 99 -5.47 -7.27 -9.64
CA LYS B 99 -4.39 -8.15 -9.13
C LYS B 99 -4.20 -7.78 -7.67
N ALA B 100 -4.22 -8.78 -6.80
CA ALA B 100 -4.09 -8.55 -5.38
C ALA B 100 -2.80 -9.14 -4.86
N VAL B 101 -2.19 -8.44 -3.92
CA VAL B 101 -1.05 -8.96 -3.17
C VAL B 101 -1.45 -8.93 -1.68
N PHE B 102 -1.27 -10.03 -1.00
CA PHE B 102 -1.62 -10.14 0.40
C PHE B 102 -0.36 -10.13 1.24
N MET B 103 -0.40 -9.45 2.39
CA MET B 103 0.86 -9.24 3.11
C MET B 103 0.56 -8.93 4.56
N THR B 104 1.63 -9.03 5.38
CA THR B 104 1.51 -8.75 6.81
C THR B 104 2.49 -7.65 7.16
N PRO B 105 2.07 -6.61 7.88
CA PRO B 105 3.02 -5.57 8.31
C PRO B 105 4.09 -6.18 9.20
N ARG B 106 5.33 -5.80 9.00
CA ARG B 106 6.44 -6.35 9.79
C ARG B 106 7.33 -5.29 10.35
N GLY B 107 7.35 -4.07 9.91
CA GLY B 107 8.17 -3.02 10.53
C GLY B 107 7.75 -1.70 9.93
N ALA B 108 8.12 -0.65 10.64
CA ALA B 108 7.75 0.68 10.19
C ALA B 108 8.81 1.67 10.58
N ILE B 109 9.01 2.62 9.74
CA ILE B 109 9.90 3.78 9.97
C ILE B 109 8.99 5.01 10.05
N LEU B 110 9.00 5.66 11.22
CA LEU B 110 8.15 6.80 11.44
C LEU B 110 8.91 7.97 12.05
N PRO B 111 8.44 9.18 11.86
CA PRO B 111 9.05 10.33 12.54
C PRO B 111 8.79 10.27 14.04
N SER B 112 9.65 10.88 14.87
CA SER B 112 9.39 10.96 16.32
C SER B 112 8.44 12.11 16.63
#